data_3E63
#
_entry.id   3E63
#
_cell.length_a   93.304
_cell.length_b   102.795
_cell.length_c   67.991
_cell.angle_alpha   90.000
_cell.angle_beta   90.000
_cell.angle_gamma   90.000
#
_symmetry.space_group_name_H-M   'C 2 2 21'
#
loop_
_entity.id
_entity.type
_entity.pdbx_description
1 polymer 'Tyrosine-protein kinase JAK2'
2 non-polymer 5-phenyl-1H-indazol-3-amine
3 water water
#
_entity_poly.entity_id   1
_entity_poly.type   'polypeptide(L)'
_entity_poly.pdbx_seq_one_letter_code
;RDPTQFEERHLKFLQQLGKGNFGSVEMCRYDPLQDNTGEVVAVKKLQHSTEEHLRDFEREIEILKSLQHDNIVKYKGVCY
SAGRRNLKLIMEYLPYGSLRDYLQKHKERIDHIKLLQYTSQICKGMEYLGTKRYIHRDLATRNILVENENRVKIGDFGLT
KVLPQDKE(PTR)(PTR)KVKEPGESPIFWYAPESLTESKFSVASDVWSFGVVLYELFTYIEKSKSPPAEFMRMIGNDKQ
GQMIVFHLIELLKNNGRLPRPDGCPDEIYMIMTECWNNNVNQRPSFRDLALRVDQIRDNMA
;
_entity_poly.pdbx_strand_id   A
#
loop_
_chem_comp.id
_chem_comp.type
_chem_comp.name
_chem_comp.formula
5B2 non-polymer 5-phenyl-1H-indazol-3-amine 'C13 H11 N3'
#
# COMPACT_ATOMS: atom_id res chain seq x y z
N ASP A 2 -28.41 12.21 4.63
CA ASP A 2 -26.94 12.10 4.40
C ASP A 2 -26.48 10.63 4.34
N PRO A 3 -26.20 10.13 3.12
CA PRO A 3 -25.77 8.75 2.88
C PRO A 3 -24.36 8.42 3.38
N THR A 4 -23.59 9.46 3.73
CA THR A 4 -22.26 9.28 4.31
C THR A 4 -22.32 9.15 5.84
N GLN A 5 -23.54 9.15 6.38
CA GLN A 5 -23.77 8.90 7.80
C GLN A 5 -24.34 7.49 7.99
N PHE A 6 -23.55 6.63 8.61
CA PHE A 6 -23.88 5.21 8.77
C PHE A 6 -24.15 4.92 10.25
N GLU A 7 -25.34 4.40 10.54
CA GLU A 7 -25.72 4.00 11.89
C GLU A 7 -25.18 2.61 12.19
N GLU A 8 -24.43 2.49 13.29
CA GLU A 8 -23.72 1.24 13.61
C GLU A 8 -24.64 0.03 13.77
N ARG A 9 -25.78 0.23 14.40
CA ARG A 9 -26.69 -0.87 14.70
C ARG A 9 -27.20 -1.54 13.43
N HIS A 10 -27.12 -0.84 12.30
CA HIS A 10 -27.55 -1.40 11.01
C HIS A 10 -26.45 -2.11 10.22
N LEU A 11 -25.21 -2.06 10.71
CA LEU A 11 -24.11 -2.78 10.08
C LEU A 11 -24.06 -4.23 10.56
N LYS A 12 -24.30 -5.17 9.65
CA LYS A 12 -24.24 -6.59 9.95
C LYS A 12 -22.89 -7.18 9.53
N PHE A 13 -22.17 -7.79 10.48
CA PHE A 13 -20.91 -8.47 10.18
C PHE A 13 -21.14 -9.63 9.22
N LEU A 14 -20.24 -9.76 8.25
CA LEU A 14 -20.31 -10.87 7.30
C LEU A 14 -19.04 -11.72 7.33
N GLN A 15 -17.89 -11.05 7.27
CA GLN A 15 -16.58 -11.73 7.39
C GLN A 15 -15.41 -10.77 7.55
N GLN A 16 -14.30 -11.30 8.02
CA GLN A 16 -13.09 -10.50 8.21
C GLN A 16 -12.33 -10.37 6.90
N LEU A 17 -11.81 -9.17 6.65
CA LEU A 17 -11.04 -8.92 5.44
C LEU A 17 -9.54 -8.76 5.72
N GLY A 18 -9.18 -8.66 7.00
CA GLY A 18 -7.77 -8.62 7.40
C GLY A 18 -7.40 -7.49 8.34
N LYS A 19 -6.11 -7.45 8.71
CA LYS A 19 -5.60 -6.44 9.62
C LYS A 19 -4.75 -5.42 8.88
N GLY A 20 -5.00 -4.14 9.14
CA GLY A 20 -4.27 -3.05 8.49
C GLY A 20 -3.55 -2.18 9.52
N ASN A 21 -2.42 -2.68 10.01
CA ASN A 21 -1.60 -2.03 11.05
C ASN A 21 -2.33 -1.76 12.37
N PHE A 22 -2.95 -0.58 12.50
CA PHE A 22 -3.62 -0.20 13.74
C PHE A 22 -5.12 -0.52 13.70
N GLY A 23 -5.61 -0.98 12.55
CA GLY A 23 -7.02 -1.28 12.39
C GLY A 23 -7.31 -2.67 11.85
N SER A 24 -8.59 -3.04 11.88
CA SER A 24 -9.06 -4.26 11.25
C SER A 24 -10.15 -3.88 10.24
N VAL A 25 -10.27 -4.69 9.19
CA VAL A 25 -11.30 -4.44 8.17
C VAL A 25 -12.27 -5.63 8.09
N GLU A 26 -13.55 -5.33 8.08
CA GLU A 26 -14.60 -6.34 7.96
C GLU A 26 -15.55 -6.00 6.83
N MET A 27 -15.95 -7.04 6.12
CA MET A 27 -17.05 -6.98 5.17
C MET A 27 -18.34 -7.01 5.99
N CYS A 28 -19.15 -5.96 5.81
CA CYS A 28 -20.43 -5.84 6.49
C CYS A 28 -21.52 -5.50 5.48
N ARG A 29 -22.76 -5.84 5.82
CA ARG A 29 -23.90 -5.38 5.04
C ARG A 29 -24.57 -4.23 5.80
N TYR A 30 -24.69 -3.09 5.14
CA TYR A 30 -25.44 -1.99 5.73
C TYR A 30 -26.91 -2.21 5.43
N ASP A 31 -27.63 -2.67 6.45
CA ASP A 31 -28.96 -3.23 6.27
C ASP A 31 -30.02 -2.60 7.19
N PRO A 32 -30.36 -1.30 6.96
CA PRO A 32 -31.31 -0.57 7.81
C PRO A 32 -32.73 -1.10 7.76
N LEU A 33 -33.05 -1.83 6.67
CA LEU A 33 -34.36 -2.47 6.52
C LEU A 33 -34.39 -3.84 7.19
N GLN A 34 -33.22 -4.28 7.65
CA GLN A 34 -33.05 -5.56 8.35
C GLN A 34 -33.71 -6.74 7.61
N ASP A 35 -33.51 -6.77 6.29
CA ASP A 35 -34.07 -7.81 5.42
C ASP A 35 -33.02 -8.40 4.48
N ASN A 36 -31.76 -8.20 4.84
CA ASN A 36 -30.60 -8.68 4.08
C ASN A 36 -30.45 -8.19 2.63
N THR A 37 -31.05 -7.05 2.30
CA THR A 37 -30.99 -6.50 0.94
C THR A 37 -30.07 -5.28 0.80
N GLY A 38 -29.49 -4.82 1.91
CA GLY A 38 -28.63 -3.63 1.91
C GLY A 38 -27.30 -3.82 1.20
N GLU A 39 -26.59 -2.72 0.99
CA GLU A 39 -25.26 -2.75 0.35
C GLU A 39 -24.19 -3.39 1.21
N VAL A 40 -23.34 -4.21 0.59
CA VAL A 40 -22.16 -4.75 1.26
C VAL A 40 -21.04 -3.70 1.16
N VAL A 41 -20.42 -3.39 2.30
CA VAL A 41 -19.35 -2.40 2.39
C VAL A 41 -18.17 -2.93 3.18
N ALA A 42 -17.01 -2.28 3.08
CA ALA A 42 -15.86 -2.58 3.93
C ALA A 42 -15.79 -1.58 5.09
N VAL A 43 -15.66 -2.10 6.31
CA VAL A 43 -15.62 -1.26 7.51
C VAL A 43 -14.26 -1.37 8.19
N LYS A 44 -13.54 -0.25 8.27
CA LYS A 44 -12.29 -0.24 9.03
C LYS A 44 -12.50 0.35 10.42
N LYS A 45 -12.03 -0.36 11.43
CA LYS A 45 -12.07 0.13 12.80
C LYS A 45 -10.73 -0.09 13.52
N LEU A 46 -10.49 0.68 14.58
CA LEU A 46 -9.28 0.55 15.39
C LEU A 46 -9.35 -0.63 16.34
N GLN A 47 -8.25 -1.37 16.46
CA GLN A 47 -8.17 -2.46 17.43
C GLN A 47 -7.98 -1.92 18.86
N HIS A 48 -7.06 -0.97 19.00
CA HIS A 48 -6.88 -0.23 20.23
C HIS A 48 -7.14 1.25 19.97
N SER A 49 -8.36 1.67 20.29
CA SER A 49 -8.80 3.02 20.03
C SER A 49 -8.45 3.99 21.18
N THR A 50 -7.15 4.22 21.35
CA THR A 50 -6.65 5.19 22.32
C THR A 50 -6.74 6.60 21.73
N GLU A 51 -6.51 7.61 22.57
CA GLU A 51 -6.48 9.02 22.17
C GLU A 51 -5.62 9.25 20.93
N GLU A 52 -4.37 8.83 21.01
CA GLU A 52 -3.38 9.07 19.95
C GLU A 52 -3.79 8.35 18.66
N HIS A 53 -4.21 7.09 18.80
CA HIS A 53 -4.68 6.30 17.67
C HIS A 53 -5.95 6.87 17.02
N LEU A 54 -6.89 7.31 17.84
CA LEU A 54 -8.11 7.96 17.35
C LEU A 54 -7.79 9.23 16.57
N ARG A 55 -6.80 9.98 17.04
CA ARG A 55 -6.37 11.20 16.37
C ARG A 55 -5.79 10.90 15.00
N ASP A 56 -4.94 9.88 14.93
CA ASP A 56 -4.35 9.45 13.67
C ASP A 56 -5.39 8.87 12.73
N PHE A 57 -6.32 8.09 13.28
CA PHE A 57 -7.39 7.47 12.47
C PHE A 57 -8.28 8.54 11.82
N GLU A 58 -8.59 9.59 12.57
CA GLU A 58 -9.37 10.67 12.02
C GLU A 58 -8.65 11.42 10.88
N ARG A 59 -7.32 11.57 10.98
CA ARG A 59 -6.54 12.14 9.87
C ARG A 59 -6.55 11.24 8.64
N GLU A 60 -6.44 9.93 8.89
CA GLU A 60 -6.48 8.91 7.84
C GLU A 60 -7.79 9.03 7.05
N ILE A 61 -8.90 9.14 7.78
CA ILE A 61 -10.23 9.24 7.19
C ILE A 61 -10.38 10.49 6.31
N GLU A 62 -9.85 11.61 6.80
CA GLU A 62 -9.83 12.87 6.04
C GLU A 62 -8.96 12.77 4.79
N ILE A 63 -7.78 12.16 4.92
CA ILE A 63 -6.95 11.86 3.76
C ILE A 63 -7.73 11.08 2.70
N LEU A 64 -8.36 9.96 3.09
CA LEU A 64 -9.08 9.14 2.11
C LEU A 64 -10.28 9.87 1.50
N LYS A 65 -10.99 10.62 2.34
CA LYS A 65 -12.14 11.39 1.90
C LYS A 65 -11.74 12.42 0.83
N SER A 66 -10.50 12.90 0.91
CA SER A 66 -10.00 13.92 -0.02
C SER A 66 -9.47 13.35 -1.34
N LEU A 67 -9.40 12.03 -1.46
CA LEU A 67 -8.88 11.38 -2.67
C LEU A 67 -10.03 10.86 -3.53
N GLN A 68 -10.11 11.31 -4.78
CA GLN A 68 -11.06 10.77 -5.74
C GLN A 68 -10.33 10.36 -7.01
N HIS A 69 -10.09 9.06 -7.16
CA HIS A 69 -9.32 8.52 -8.28
C HIS A 69 -9.73 7.06 -8.56
N ASP A 70 -9.72 6.69 -9.84
CA ASP A 70 -10.04 5.33 -10.27
C ASP A 70 -9.24 4.25 -9.55
N ASN A 71 -8.00 4.59 -9.16
CA ASN A 71 -7.10 3.60 -8.56
C ASN A 71 -6.88 3.80 -7.06
N ILE A 72 -7.86 4.43 -6.42
CA ILE A 72 -7.87 4.65 -4.98
C ILE A 72 -9.24 4.21 -4.45
N VAL A 73 -9.23 3.35 -3.43
CA VAL A 73 -10.47 2.83 -2.84
C VAL A 73 -11.42 3.98 -2.45
N LYS A 74 -12.71 3.80 -2.74
CA LYS A 74 -13.68 4.86 -2.51
C LYS A 74 -14.13 4.99 -1.07
N TYR A 75 -13.99 6.21 -0.54
CA TYR A 75 -14.60 6.61 0.73
C TYR A 75 -16.13 6.56 0.59
N LYS A 76 -16.80 6.02 1.59
CA LYS A 76 -18.26 6.00 1.60
C LYS A 76 -18.88 6.82 2.73
N GLY A 77 -18.27 6.77 3.91
CA GLY A 77 -18.80 7.49 5.06
C GLY A 77 -18.09 7.09 6.34
N VAL A 78 -18.70 7.45 7.47
CA VAL A 78 -18.11 7.23 8.81
C VAL A 78 -19.20 6.81 9.78
N CYS A 79 -18.81 6.02 10.78
CA CYS A 79 -19.64 5.73 11.94
C CYS A 79 -19.07 6.44 13.16
N TYR A 80 -19.95 7.06 13.94
CA TYR A 80 -19.58 7.65 15.22
C TYR A 80 -20.26 6.89 16.35
N SER A 81 -19.52 6.58 17.40
CA SER A 81 -20.12 6.02 18.63
C SER A 81 -20.46 7.14 19.61
N ALA A 82 -21.55 6.95 20.34
CA ALA A 82 -21.98 7.86 21.41
C ALA A 82 -21.04 7.80 22.61
N GLY A 83 -20.66 8.97 23.12
CA GLY A 83 -19.81 9.06 24.30
C GLY A 83 -18.35 9.29 23.96
N ARG A 84 -17.57 8.21 23.95
CA ARG A 84 -16.12 8.29 23.77
C ARG A 84 -15.69 8.55 22.31
N ARG A 85 -16.65 8.50 21.40
CA ARG A 85 -16.46 8.91 20.00
C ARG A 85 -15.51 7.99 19.23
N ASN A 86 -15.87 6.71 19.20
CA ASN A 86 -15.14 5.74 18.40
C ASN A 86 -15.54 5.91 16.94
N LEU A 87 -14.56 5.75 16.05
CA LEU A 87 -14.77 5.99 14.63
C LEU A 87 -14.65 4.71 13.82
N LYS A 88 -15.55 4.55 12.86
CA LYS A 88 -15.41 3.52 11.84
C LYS A 88 -15.39 4.16 10.46
N LEU A 89 -14.49 3.66 9.62
CA LEU A 89 -14.38 4.15 8.25
C LEU A 89 -15.13 3.20 7.31
N ILE A 90 -16.11 3.75 6.60
CA ILE A 90 -16.88 2.96 5.63
C ILE A 90 -16.32 3.20 4.23
N MET A 91 -16.03 2.11 3.52
CA MET A 91 -15.44 2.17 2.18
C MET A 91 -16.19 1.23 1.28
N GLU A 92 -16.05 1.40 -0.03
CA GLU A 92 -16.58 0.42 -0.99
C GLU A 92 -15.94 -0.94 -0.76
N TYR A 93 -16.69 -2.00 -1.02
CA TYR A 93 -16.16 -3.34 -0.97
C TYR A 93 -15.71 -3.78 -2.36
N LEU A 94 -14.45 -4.22 -2.45
CA LEU A 94 -13.85 -4.70 -3.68
C LEU A 94 -13.74 -6.23 -3.52
N PRO A 95 -14.53 -6.97 -4.31
CA PRO A 95 -14.80 -8.38 -3.99
C PRO A 95 -13.73 -9.41 -4.36
N TYR A 96 -12.72 -9.02 -5.12
CA TYR A 96 -11.63 -9.93 -5.46
C TYR A 96 -10.49 -9.90 -4.44
N GLY A 97 -10.64 -9.12 -3.37
CA GLY A 97 -9.65 -9.07 -2.27
C GLY A 97 -8.36 -8.34 -2.58
N SER A 98 -7.31 -8.61 -1.80
CA SER A 98 -6.02 -7.96 -1.98
C SER A 98 -5.28 -8.52 -3.19
N LEU A 99 -4.48 -7.68 -3.83
CA LEU A 99 -3.66 -8.12 -4.95
C LEU A 99 -2.68 -9.21 -4.52
N ARG A 100 -2.17 -9.10 -3.28
CA ARG A 100 -1.24 -10.10 -2.75
C ARG A 100 -1.86 -11.51 -2.75
N ASP A 101 -3.07 -11.65 -2.21
CA ASP A 101 -3.80 -12.93 -2.19
C ASP A 101 -4.25 -13.38 -3.58
N TYR A 102 -4.70 -12.43 -4.40
CA TYR A 102 -5.15 -12.71 -5.77
C TYR A 102 -4.03 -13.30 -6.61
N LEU A 103 -2.86 -12.66 -6.57
CA LEU A 103 -1.69 -13.10 -7.33
C LEU A 103 -1.10 -14.41 -6.79
N GLN A 104 -1.13 -14.56 -5.47
CA GLN A 104 -0.67 -15.79 -4.82
C GLN A 104 -1.56 -16.97 -5.22
N LYS A 105 -2.84 -16.68 -5.43
CA LYS A 105 -3.83 -17.67 -5.83
C LYS A 105 -3.69 -18.10 -7.29
N HIS A 106 -3.68 -17.12 -8.21
CA HIS A 106 -3.68 -17.41 -9.64
C HIS A 106 -2.27 -17.52 -10.26
N LYS A 107 -1.28 -16.92 -9.60
CA LYS A 107 0.13 -17.01 -10.03
C LYS A 107 0.31 -16.66 -11.51
N GLU A 108 1.05 -17.49 -12.25
CA GLU A 108 1.42 -17.21 -13.64
C GLU A 108 0.24 -17.15 -14.62
N ARG A 109 -0.95 -17.56 -14.17
CA ARG A 109 -2.19 -17.43 -14.95
C ARG A 109 -2.58 -15.96 -15.14
N ILE A 110 -1.99 -15.10 -14.32
CA ILE A 110 -1.97 -13.66 -14.53
C ILE A 110 -0.73 -13.36 -15.36
N ASP A 111 -0.91 -13.01 -16.63
CA ASP A 111 0.23 -12.79 -17.53
C ASP A 111 0.85 -11.39 -17.39
N HIS A 112 1.98 -11.19 -18.05
CA HIS A 112 2.73 -9.94 -18.01
C HIS A 112 1.90 -8.73 -18.41
N ILE A 113 1.04 -8.90 -19.42
CA ILE A 113 0.13 -7.85 -19.86
C ILE A 113 -0.80 -7.39 -18.72
N LYS A 114 -1.27 -8.37 -17.95
CA LYS A 114 -2.11 -8.10 -16.79
C LYS A 114 -1.32 -7.45 -15.66
N LEU A 115 -0.12 -7.97 -15.39
CA LEU A 115 0.77 -7.41 -14.35
C LEU A 115 1.12 -5.94 -14.61
N LEU A 116 1.33 -5.60 -15.87
CA LEU A 116 1.71 -4.23 -16.24
C LEU A 116 0.50 -3.31 -16.25
N GLN A 117 -0.68 -3.85 -16.54
CA GLN A 117 -1.90 -3.08 -16.35
C GLN A 117 -2.05 -2.68 -14.89
N TYR A 118 -1.75 -3.61 -13.98
CA TYR A 118 -1.83 -3.34 -12.55
C TYR A 118 -0.78 -2.34 -12.11
N THR A 119 0.45 -2.52 -12.61
CA THR A 119 1.58 -1.63 -12.33
C THR A 119 1.20 -0.20 -12.68
N SER A 120 0.66 -0.03 -13.88
CA SER A 120 0.26 1.28 -14.41
C SER A 120 -0.80 1.94 -13.52
N GLN A 121 -1.79 1.14 -13.12
CA GLN A 121 -2.86 1.63 -12.25
C GLN A 121 -2.33 2.00 -10.86
N ILE A 122 -1.47 1.17 -10.29
CA ILE A 122 -0.78 1.50 -9.03
C ILE A 122 0.03 2.80 -9.18
N CYS A 123 0.81 2.91 -10.25
CA CYS A 123 1.54 4.13 -10.56
C CYS A 123 0.66 5.39 -10.65
N LYS A 124 -0.50 5.25 -11.29
CA LYS A 124 -1.39 6.39 -11.47
C LYS A 124 -2.03 6.82 -10.14
N GLY A 125 -2.39 5.85 -9.31
CA GLY A 125 -2.92 6.12 -7.98
C GLY A 125 -1.89 6.83 -7.12
N MET A 126 -0.62 6.44 -7.25
CA MET A 126 0.47 7.06 -6.48
C MET A 126 0.85 8.46 -6.97
N GLU A 127 0.80 8.65 -8.29
CA GLU A 127 1.04 9.97 -8.89
C GLU A 127 0.01 10.99 -8.41
N TYR A 128 -1.26 10.58 -8.44
CA TYR A 128 -2.36 11.41 -7.96
C TYR A 128 -2.20 11.72 -6.47
N LEU A 129 -1.83 10.73 -5.67
CA LEU A 129 -1.60 10.93 -4.23
C LEU A 129 -0.54 12.00 -3.99
N GLY A 130 0.53 11.96 -4.79
CA GLY A 130 1.64 12.92 -4.63
C GLY A 130 1.29 14.35 -5.02
N THR A 131 0.31 14.51 -5.89
CA THR A 131 -0.21 15.86 -6.25
C THR A 131 -0.96 16.50 -5.07
N LYS A 132 -1.34 15.69 -4.08
CA LYS A 132 -1.99 16.21 -2.88
C LYS A 132 -0.98 16.35 -1.75
N ARG A 133 0.29 16.13 -2.07
CA ARG A 133 1.40 16.17 -1.09
C ARG A 133 1.24 15.15 0.06
N TYR A 134 0.67 14.00 -0.28
CA TYR A 134 0.60 12.90 0.67
C TYR A 134 1.70 11.88 0.38
N ILE A 135 2.25 11.31 1.45
CA ILE A 135 3.27 10.27 1.37
C ILE A 135 2.65 9.00 1.94
N HIS A 136 2.60 7.95 1.13
CA HIS A 136 1.91 6.71 1.52
C HIS A 136 2.61 5.94 2.64
N ARG A 137 3.93 5.75 2.52
CA ARG A 137 4.77 5.10 3.53
C ARG A 137 4.55 3.59 3.75
N ASP A 138 3.60 2.99 3.03
CA ASP A 138 3.24 1.59 3.25
C ASP A 138 2.84 0.87 1.95
N LEU A 139 3.48 1.24 0.84
CA LEU A 139 3.13 0.71 -0.48
C LEU A 139 3.64 -0.74 -0.61
N ALA A 140 2.69 -1.67 -0.70
CA ALA A 140 2.97 -3.12 -0.78
C ALA A 140 1.73 -3.80 -1.37
N THR A 141 1.90 -4.97 -1.99
CA THR A 141 0.75 -5.64 -2.62
C THR A 141 -0.37 -6.00 -1.63
N ARG A 142 -0.06 -6.15 -0.35
CA ARG A 142 -1.10 -6.40 0.65
C ARG A 142 -2.01 -5.19 0.87
N ASN A 143 -1.56 -4.00 0.45
CA ASN A 143 -2.34 -2.78 0.60
C ASN A 143 -3.02 -2.32 -0.71
N ILE A 144 -3.02 -3.20 -1.69
CA ILE A 144 -3.61 -2.94 -3.01
C ILE A 144 -4.75 -3.93 -3.18
N LEU A 145 -5.87 -3.47 -3.73
CA LEU A 145 -7.07 -4.27 -3.82
C LEU A 145 -7.50 -4.52 -5.26
N VAL A 146 -8.13 -5.67 -5.50
CA VAL A 146 -8.62 -6.01 -6.83
C VAL A 146 -10.15 -5.81 -6.91
N GLU A 147 -10.57 -4.88 -7.76
CA GLU A 147 -12.01 -4.70 -7.99
C GLU A 147 -12.56 -5.75 -8.94
N ASN A 148 -11.85 -5.95 -10.04
CA ASN A 148 -12.17 -6.97 -11.03
C ASN A 148 -10.88 -7.32 -11.77
N GLU A 149 -10.99 -8.21 -12.75
CA GLU A 149 -9.85 -8.64 -13.55
C GLU A 149 -9.04 -7.50 -14.16
N ASN A 150 -9.68 -6.35 -14.41
CA ASN A 150 -9.06 -5.24 -15.13
C ASN A 150 -8.64 -4.02 -14.31
N ARG A 151 -8.97 -4.01 -13.02
CA ARG A 151 -8.75 -2.83 -12.19
C ARG A 151 -8.34 -3.14 -10.76
N VAL A 152 -7.27 -2.48 -10.32
CA VAL A 152 -6.81 -2.50 -8.93
C VAL A 152 -6.85 -1.10 -8.32
N LYS A 153 -6.92 -1.04 -7.00
CA LYS A 153 -6.95 0.24 -6.30
C LYS A 153 -6.08 0.17 -5.05
N ILE A 154 -5.39 1.26 -4.74
CA ILE A 154 -4.69 1.38 -3.46
C ILE A 154 -5.75 1.36 -2.35
N GLY A 155 -5.56 0.47 -1.39
CA GLY A 155 -6.66 0.11 -0.50
C GLY A 155 -6.57 0.50 0.96
N ASP A 156 -5.40 0.99 1.38
CA ASP A 156 -5.19 1.37 2.76
C ASP A 156 -4.27 2.56 2.84
N PHE A 157 -4.54 3.44 3.82
CA PHE A 157 -3.79 4.68 4.00
C PHE A 157 -3.46 4.93 5.47
N GLY A 158 -3.24 3.83 6.19
CA GLY A 158 -2.99 3.87 7.62
C GLY A 158 -1.70 4.53 8.07
N LEU A 159 -0.71 4.60 7.19
CA LEU A 159 0.56 5.28 7.52
C LEU A 159 0.78 6.56 6.72
N THR A 160 -0.22 6.95 5.94
CA THR A 160 -0.13 8.12 5.06
C THR A 160 -0.01 9.43 5.85
N LYS A 161 0.97 10.25 5.43
CA LYS A 161 1.24 11.53 6.07
C LYS A 161 1.24 12.64 5.02
N VAL A 162 0.77 13.83 5.42
CA VAL A 162 0.91 15.02 4.55
C VAL A 162 2.27 15.67 4.82
N LEU A 163 2.95 16.06 3.74
CA LEU A 163 4.18 16.84 3.85
C LEU A 163 3.91 18.20 4.48
N PRO A 164 4.85 18.71 5.29
CA PRO A 164 4.81 20.12 5.71
C PRO A 164 4.87 21.04 4.49
N GLN A 165 4.28 22.22 4.61
CA GLN A 165 4.23 23.20 3.50
C GLN A 165 5.58 23.45 2.81
N ASP A 166 6.63 23.53 3.60
CA ASP A 166 7.95 23.97 3.12
C ASP A 166 9.02 22.86 3.09
N LYS A 167 8.60 21.61 3.30
CA LYS A 167 9.52 20.47 3.27
C LYS A 167 9.06 19.45 2.23
N GLU A 168 10.00 18.71 1.66
CA GLU A 168 9.68 17.65 0.69
C GLU A 168 9.86 16.27 1.31
N PTR A 169 10.02 16.23 2.62
CA PTR A 169 10.05 14.97 3.37
C PTR A 169 9.25 15.15 4.65
O PTR A 169 9.08 16.27 5.14
CB PTR A 169 11.50 14.51 3.68
CG PTR A 169 12.26 15.49 4.54
CD1 PTR A 169 12.90 16.59 3.98
CD2 PTR A 169 12.29 15.33 5.92
CE1 PTR A 169 13.57 17.50 4.79
CE2 PTR A 169 12.96 16.23 6.73
CZ PTR A 169 13.61 17.32 6.16
OH PTR A 169 14.19 18.13 6.89
P PTR A 169 15.78 18.22 7.05
O1P PTR A 169 16.05 19.20 8.13
O2P PTR A 169 16.44 18.71 5.74
O3P PTR A 169 16.34 16.84 7.44
N PTR A 170 8.78 14.04 5.19
CA PTR A 170 8.20 13.98 6.51
C PTR A 170 9.16 13.16 7.37
O PTR A 170 9.60 12.09 6.95
CB PTR A 170 6.84 13.30 6.44
CG PTR A 170 6.09 13.26 7.76
CD1 PTR A 170 6.13 12.13 8.57
CD2 PTR A 170 5.33 14.35 8.17
CE1 PTR A 170 5.44 12.09 9.78
CE2 PTR A 170 4.63 14.33 9.37
CZ PTR A 170 4.69 13.20 10.18
OH PTR A 170 4.08 13.12 11.26
P PTR A 170 2.98 14.18 11.82
O1P PTR A 170 1.89 14.35 10.82
O2P PTR A 170 3.65 15.54 12.11
O3P PTR A 170 2.37 13.64 13.13
N LYS A 171 9.49 13.66 8.56
CA LYS A 171 10.33 12.90 9.49
C LYS A 171 9.53 12.25 10.64
N VAL A 172 9.70 10.95 10.81
CA VAL A 172 9.05 10.22 11.91
C VAL A 172 9.97 10.17 13.13
N LYS A 173 9.51 10.75 14.24
CA LYS A 173 10.33 10.85 15.45
C LYS A 173 10.31 9.59 16.32
N GLU A 174 9.13 8.96 16.42
CA GLU A 174 8.99 7.72 17.18
C GLU A 174 8.34 6.63 16.32
N PRO A 175 9.17 5.88 15.56
CA PRO A 175 8.66 4.87 14.65
C PRO A 175 7.91 3.73 15.33
N GLY A 176 6.81 3.32 14.71
CA GLY A 176 6.05 2.14 15.15
C GLY A 176 6.53 0.93 14.39
N GLU A 177 5.66 -0.06 14.21
CA GLU A 177 5.96 -1.23 13.37
C GLU A 177 6.23 -0.74 11.95
N SER A 178 7.42 -1.05 11.45
CA SER A 178 7.87 -0.52 10.15
C SER A 178 8.08 -1.66 9.16
N PRO A 179 7.55 -1.50 7.93
CA PRO A 179 7.79 -2.49 6.87
C PRO A 179 9.15 -2.30 6.21
N ILE A 180 10.20 -2.54 7.01
CA ILE A 180 11.58 -2.21 6.68
C ILE A 180 12.09 -2.81 5.38
N PHE A 181 11.51 -3.93 4.95
CA PHE A 181 11.96 -4.58 3.71
C PHE A 181 11.42 -3.89 2.45
N TRP A 182 10.57 -2.90 2.66
CA TRP A 182 10.08 -2.02 1.59
C TRP A 182 10.65 -0.59 1.71
N TYR A 183 11.48 -0.35 2.73
CA TYR A 183 12.00 0.98 3.01
C TYR A 183 13.22 1.37 2.18
N ALA A 184 13.19 2.61 1.68
CA ALA A 184 14.36 3.29 1.17
C ALA A 184 15.41 3.49 2.27
N PRO A 185 16.70 3.56 1.90
CA PRO A 185 17.81 3.72 2.86
C PRO A 185 17.63 4.90 3.81
N GLU A 186 17.21 6.05 3.28
CA GLU A 186 17.04 7.25 4.10
C GLU A 186 15.90 7.13 5.11
N SER A 187 14.92 6.29 4.82
CA SER A 187 13.85 5.98 5.76
C SER A 187 14.39 5.10 6.91
N LEU A 188 15.29 4.17 6.56
CA LEU A 188 15.93 3.31 7.57
C LEU A 188 16.88 4.09 8.48
N THR A 189 17.70 4.97 7.90
CA THR A 189 18.76 5.63 8.64
C THR A 189 18.30 6.89 9.35
N GLU A 190 17.37 7.61 8.73
CA GLU A 190 16.96 8.94 9.20
C GLU A 190 15.46 9.10 9.42
N SER A 191 14.69 8.03 9.23
CA SER A 191 13.21 8.11 9.29
C SER A 191 12.62 9.22 8.39
N LYS A 192 13.23 9.43 7.23
CA LYS A 192 12.77 10.44 6.27
C LYS A 192 11.91 9.80 5.18
N PHE A 193 10.72 10.37 5.00
CA PHE A 193 9.76 9.84 4.04
C PHE A 193 9.32 10.90 3.05
N SER A 194 9.35 10.55 1.76
CA SER A 194 9.12 11.50 0.69
C SER A 194 8.47 10.78 -0.47
N VAL A 195 8.08 11.52 -1.50
CA VAL A 195 7.60 10.89 -2.74
C VAL A 195 8.65 9.90 -3.27
N ALA A 196 9.93 10.24 -3.11
CA ALA A 196 11.02 9.41 -3.57
C ALA A 196 11.22 8.11 -2.78
N SER A 197 10.86 8.10 -1.49
CA SER A 197 10.85 6.83 -0.77
C SER A 197 9.62 5.98 -1.13
N ASP A 198 8.52 6.65 -1.50
CA ASP A 198 7.36 5.93 -2.02
C ASP A 198 7.73 5.25 -3.34
N VAL A 199 8.51 5.93 -4.19
CA VAL A 199 9.01 5.36 -5.46
C VAL A 199 9.90 4.13 -5.21
N TRP A 200 10.77 4.20 -4.21
CA TRP A 200 11.57 3.04 -3.81
C TRP A 200 10.66 1.86 -3.49
N SER A 201 9.66 2.07 -2.66
CA SER A 201 8.72 1.02 -2.27
C SER A 201 7.94 0.48 -3.46
N PHE A 202 7.62 1.36 -4.40
CA PHE A 202 6.96 0.94 -5.64
C PHE A 202 7.83 -0.05 -6.43
N GLY A 203 9.14 0.18 -6.48
CA GLY A 203 10.08 -0.79 -7.04
C GLY A 203 9.94 -2.17 -6.38
N VAL A 204 9.81 -2.17 -5.05
CA VAL A 204 9.57 -3.42 -4.30
C VAL A 204 8.21 -4.08 -4.64
N VAL A 205 7.16 -3.28 -4.78
CA VAL A 205 5.85 -3.78 -5.25
C VAL A 205 5.98 -4.45 -6.61
N LEU A 206 6.70 -3.81 -7.52
CA LEU A 206 6.95 -4.35 -8.85
C LEU A 206 7.66 -5.71 -8.78
N TYR A 207 8.64 -5.81 -7.89
CA TYR A 207 9.31 -7.06 -7.60
C TYR A 207 8.31 -8.13 -7.11
N GLU A 208 7.44 -7.74 -6.18
CA GLU A 208 6.43 -8.65 -5.65
C GLU A 208 5.57 -9.21 -6.76
N LEU A 209 5.08 -8.32 -7.63
CA LEU A 209 4.25 -8.69 -8.77
C LEU A 209 4.90 -9.74 -9.67
N PHE A 210 6.17 -9.52 -10.03
CA PHE A 210 6.87 -10.41 -10.95
C PHE A 210 7.48 -11.67 -10.33
N THR A 211 7.42 -11.78 -8.99
CA THR A 211 7.75 -13.04 -8.31
C THR A 211 6.48 -13.82 -7.99
N TYR A 212 5.34 -13.21 -8.30
CA TYR A 212 4.01 -13.81 -8.08
C TYR A 212 3.79 -14.20 -6.63
N ILE A 213 4.32 -13.38 -5.73
CA ILE A 213 4.19 -13.54 -4.28
C ILE A 213 4.71 -14.90 -3.78
N GLU A 214 5.74 -15.42 -4.45
CA GLU A 214 6.36 -16.69 -4.04
C GLU A 214 7.08 -16.45 -2.71
N LYS A 215 6.66 -17.22 -1.70
CA LYS A 215 7.11 -17.04 -0.30
C LYS A 215 8.63 -17.02 -0.13
N SER A 216 9.32 -17.94 -0.81
CA SER A 216 10.79 -18.02 -0.77
C SER A 216 11.47 -16.84 -1.47
N LYS A 217 10.70 -16.12 -2.29
CA LYS A 217 11.22 -14.99 -3.04
C LYS A 217 10.78 -13.65 -2.46
N SER A 218 9.98 -13.69 -1.39
CA SER A 218 9.43 -12.48 -0.79
C SER A 218 10.59 -11.55 -0.40
N PRO A 219 10.36 -10.23 -0.44
CA PRO A 219 11.40 -9.31 0.03
C PRO A 219 11.97 -9.62 1.45
N PRO A 220 11.11 -9.93 2.47
CA PRO A 220 11.71 -10.32 3.74
C PRO A 220 12.63 -11.54 3.67
N ALA A 221 12.21 -12.59 2.96
CA ALA A 221 13.03 -13.80 2.82
C ALA A 221 14.36 -13.52 2.12
N GLU A 222 14.31 -12.72 1.06
CA GLU A 222 15.51 -12.45 0.27
C GLU A 222 16.51 -11.55 0.99
N PHE A 223 16.02 -10.45 1.60
CA PHE A 223 16.88 -9.58 2.39
C PHE A 223 17.48 -10.31 3.60
N MET A 224 16.69 -11.17 4.25
CA MET A 224 17.22 -11.99 5.35
C MET A 224 18.32 -12.95 4.87
N ARG A 225 18.14 -13.54 3.69
CA ARG A 225 19.16 -14.38 3.10
C ARG A 225 20.46 -13.60 2.84
N MET A 226 20.32 -12.38 2.33
CA MET A 226 21.47 -11.55 2.01
C MET A 226 22.23 -11.00 3.23
N ILE A 227 21.52 -10.70 4.32
CA ILE A 227 22.19 -10.23 5.54
C ILE A 227 22.61 -11.38 6.45
N GLY A 228 21.98 -12.54 6.24
CA GLY A 228 22.18 -13.71 7.08
C GLY A 228 20.95 -13.94 7.95
N ASN A 229 20.38 -15.13 7.87
CA ASN A 229 19.19 -15.49 8.67
C ASN A 229 19.42 -15.47 10.19
N ASP A 230 20.68 -15.36 10.59
CA ASP A 230 21.06 -15.27 12.00
C ASP A 230 20.84 -13.88 12.60
N LYS A 231 20.62 -12.87 11.74
CA LYS A 231 20.43 -11.50 12.22
C LYS A 231 19.04 -11.36 12.87
N GLN A 232 18.99 -10.70 14.01
CA GLN A 232 17.77 -10.60 14.80
C GLN A 232 17.52 -9.19 15.32
N GLY A 233 16.24 -8.85 15.47
CA GLY A 233 15.82 -7.55 15.99
C GLY A 233 16.53 -6.38 15.32
N GLN A 234 16.97 -5.42 16.13
CA GLN A 234 17.63 -4.20 15.67
C GLN A 234 18.80 -4.45 14.72
N MET A 235 19.50 -5.56 14.90
CA MET A 235 20.64 -5.94 14.05
C MET A 235 20.24 -6.18 12.60
N ILE A 236 19.00 -6.63 12.38
CA ILE A 236 18.45 -6.71 11.04
C ILE A 236 18.54 -5.34 10.33
N VAL A 237 18.07 -4.29 11.01
CA VAL A 237 18.10 -2.93 10.46
C VAL A 237 19.53 -2.47 10.17
N PHE A 238 20.43 -2.71 11.12
CA PHE A 238 21.84 -2.35 10.95
C PHE A 238 22.43 -3.00 9.69
N HIS A 239 22.23 -4.32 9.54
CA HIS A 239 22.82 -5.06 8.42
C HIS A 239 22.14 -4.73 7.09
N LEU A 240 20.83 -4.48 7.13
CA LEU A 240 20.08 -4.02 5.96
C LEU A 240 20.61 -2.68 5.44
N ILE A 241 20.82 -1.73 6.34
CA ILE A 241 21.39 -0.42 5.98
C ILE A 241 22.73 -0.61 5.26
N GLU A 242 23.60 -1.45 5.85
CA GLU A 242 24.93 -1.71 5.30
C GLU A 242 24.85 -2.44 3.95
N LEU A 243 23.89 -3.35 3.83
CA LEU A 243 23.68 -4.06 2.56
C LEU A 243 23.28 -3.10 1.43
N LEU A 244 22.27 -2.28 1.69
CA LEU A 244 21.78 -1.32 0.68
C LEU A 244 22.84 -0.29 0.27
N LYS A 245 23.59 0.21 1.26
CA LYS A 245 24.72 1.12 1.03
C LYS A 245 25.72 0.57 0.04
N ASN A 246 25.90 -0.75 0.07
CA ASN A 246 26.85 -1.43 -0.80
C ASN A 246 26.22 -2.04 -2.05
N ASN A 247 25.04 -1.52 -2.39
CA ASN A 247 24.25 -1.93 -3.56
C ASN A 247 23.76 -3.38 -3.55
N GLY A 248 23.61 -3.95 -2.37
CA GLY A 248 22.89 -5.19 -2.21
C GLY A 248 21.45 -4.90 -2.58
N ARG A 249 20.88 -5.72 -3.45
CA ARG A 249 19.52 -5.50 -3.93
C ARG A 249 18.85 -6.85 -4.11
N LEU A 250 17.51 -6.84 -4.08
CA LEU A 250 16.71 -7.95 -4.55
C LEU A 250 17.13 -8.37 -5.97
N PRO A 251 17.13 -9.68 -6.25
CA PRO A 251 17.53 -10.17 -7.56
C PRO A 251 16.43 -10.00 -8.60
N ARG A 252 16.78 -10.09 -9.88
CA ARG A 252 15.79 -10.13 -10.94
C ARG A 252 14.93 -11.38 -10.75
N PRO A 253 13.60 -11.19 -10.60
CA PRO A 253 12.69 -12.34 -10.58
C PRO A 253 12.87 -13.19 -11.83
N ASP A 254 12.76 -14.50 -11.69
CA ASP A 254 12.85 -15.41 -12.83
C ASP A 254 11.76 -15.07 -13.85
N GLY A 255 12.17 -14.87 -15.09
CA GLY A 255 11.23 -14.63 -16.19
C GLY A 255 10.84 -13.18 -16.37
N CYS A 256 11.43 -12.30 -15.55
CA CYS A 256 11.10 -10.87 -15.60
C CYS A 256 11.70 -10.20 -16.85
N PRO A 257 10.86 -9.48 -17.62
CA PRO A 257 11.32 -8.72 -18.79
C PRO A 257 12.38 -7.70 -18.37
N ASP A 258 13.42 -7.54 -19.19
CA ASP A 258 14.55 -6.69 -18.85
C ASP A 258 14.18 -5.22 -18.62
N GLU A 259 13.22 -4.73 -19.40
CA GLU A 259 12.71 -3.36 -19.28
C GLU A 259 12.03 -3.11 -17.95
N ILE A 260 11.38 -4.15 -17.43
CA ILE A 260 10.68 -4.09 -16.15
C ILE A 260 11.69 -4.15 -15.01
N TYR A 261 12.69 -5.02 -15.16
CA TYR A 261 13.75 -5.12 -14.18
C TYR A 261 14.54 -3.81 -14.06
N MET A 262 14.77 -3.16 -15.20
CA MET A 262 15.43 -1.84 -15.23
C MET A 262 14.67 -0.79 -14.45
N ILE A 263 13.33 -0.82 -14.55
CA ILE A 263 12.46 0.07 -13.76
C ILE A 263 12.67 -0.15 -12.27
N MET A 264 12.67 -1.41 -11.81
CA MET A 264 12.89 -1.72 -10.39
C MET A 264 14.21 -1.14 -9.90
N THR A 265 15.28 -1.40 -10.67
CA THR A 265 16.63 -1.04 -10.27
C THR A 265 16.80 0.48 -10.24
N GLU A 266 16.11 1.19 -11.12
CA GLU A 266 16.10 2.66 -11.08
C GLU A 266 15.37 3.22 -9.86
N CYS A 267 14.28 2.56 -9.46
CA CYS A 267 13.55 2.95 -8.23
C CYS A 267 14.43 2.76 -7.01
N TRP A 268 15.27 1.73 -7.02
CA TRP A 268 16.14 1.42 -5.89
C TRP A 268 17.49 2.15 -5.93
N ASN A 269 17.47 3.42 -6.29
CA ASN A 269 18.67 4.23 -6.30
C ASN A 269 18.96 4.77 -4.89
N ASN A 270 20.20 4.63 -4.44
CA ASN A 270 20.61 5.25 -3.16
C ASN A 270 20.50 6.77 -3.23
N ASN A 271 20.75 7.33 -4.41
CA ASN A 271 20.57 8.75 -4.67
C ASN A 271 19.09 9.10 -4.81
N VAL A 272 18.55 9.76 -3.79
CA VAL A 272 17.12 10.07 -3.72
C VAL A 272 16.61 10.82 -4.96
N ASN A 273 17.33 11.87 -5.36
CA ASN A 273 16.95 12.71 -6.50
C ASN A 273 17.00 12.02 -7.86
N GLN A 274 17.72 10.89 -7.93
CA GLN A 274 17.91 10.18 -9.19
C GLN A 274 16.80 9.18 -9.50
N ARG A 275 15.97 8.86 -8.51
CA ARG A 275 14.83 7.96 -8.68
C ARG A 275 13.80 8.52 -9.67
N PRO A 276 13.18 7.67 -10.49
CA PRO A 276 12.15 8.18 -11.42
C PRO A 276 10.93 8.78 -10.71
N SER A 277 10.17 9.59 -11.44
CA SER A 277 8.94 10.18 -10.91
C SER A 277 7.78 9.23 -11.25
N PHE A 278 6.71 9.28 -10.47
CA PHE A 278 5.51 8.52 -10.77
C PHE A 278 4.87 8.91 -12.10
N ARG A 279 4.93 10.21 -12.46
CA ARG A 279 4.48 10.66 -13.78
C ARG A 279 5.26 9.93 -14.90
N ASP A 280 6.58 9.89 -14.78
CA ASP A 280 7.41 9.22 -15.78
C ASP A 280 7.27 7.70 -15.79
N LEU A 281 7.21 7.10 -14.60
CA LEU A 281 6.94 5.66 -14.49
C LEU A 281 5.62 5.23 -15.14
N ALA A 282 4.57 6.03 -15.00
CA ALA A 282 3.29 5.71 -15.64
C ALA A 282 3.40 5.82 -17.17
N LEU A 283 4.12 6.82 -17.66
CA LEU A 283 4.37 6.95 -19.11
C LEU A 283 5.16 5.75 -19.65
N ARG A 284 6.21 5.37 -18.93
CA ARG A 284 7.07 4.25 -19.33
C ARG A 284 6.38 2.89 -19.34
N VAL A 285 5.61 2.60 -18.29
CA VAL A 285 4.87 1.36 -18.19
C VAL A 285 3.83 1.29 -19.32
N ASP A 286 3.13 2.39 -19.56
CA ASP A 286 2.11 2.42 -20.60
C ASP A 286 2.71 2.19 -21.98
N GLN A 287 3.89 2.77 -22.23
CA GLN A 287 4.64 2.51 -23.47
C GLN A 287 5.02 1.03 -23.61
N ILE A 288 5.55 0.42 -22.55
CA ILE A 288 5.88 -1.01 -22.56
C ILE A 288 4.65 -1.90 -22.86
N ARG A 289 3.52 -1.59 -22.22
CA ARG A 289 2.24 -2.28 -22.49
C ARG A 289 1.82 -2.14 -23.96
N ASP A 290 2.03 -0.94 -24.49
CA ASP A 290 1.75 -0.61 -25.88
C ASP A 290 2.64 -1.41 -26.85
N ASN A 291 3.94 -1.50 -26.54
CA ASN A 291 4.86 -2.30 -27.35
C ASN A 291 4.46 -3.78 -27.38
N MET A 292 4.05 -4.30 -26.23
CA MET A 292 3.64 -5.70 -26.10
C MET A 292 2.34 -6.00 -26.83
N ALA A 293 1.51 -4.96 -27.00
CA ALA A 293 0.21 -5.11 -27.66
C ALA A 293 0.21 -4.48 -29.05
C7 5B2 B . -11.05 -4.08 1.30
C6 5B2 B . -9.95 -4.44 2.11
C1 5B2 B . -11.93 -4.74 0.40
N1 5B2 B . -11.84 -6.04 0.08
C5 5B2 B . -9.31 -3.47 2.90
C4 5B2 B . -9.80 -2.14 2.89
C3 5B2 B . -10.91 -1.75 2.11
C2 5B2 B . -11.50 -2.75 1.33
N3 5B2 B . -12.57 -2.73 0.46
N2 5B2 B . -12.83 -3.92 -0.11
C8 5B2 B . -8.16 -3.87 3.73
C13 5B2 B . -8.15 -5.11 4.41
C12 5B2 B . -7.06 -5.51 5.20
C11 5B2 B . -5.94 -4.67 5.31
C10 5B2 B . -5.92 -3.44 4.64
C9 5B2 B . -7.01 -3.03 3.85
#